data_1P8D
#
_entry.id   1P8D
#
_cell.length_a   71.166
_cell.length_b   120.012
_cell.length_c   147.560
_cell.angle_alpha   90.00
_cell.angle_beta   90.00
_cell.angle_gamma   90.00
#
_symmetry.space_group_name_H-M   'C 2 2 21'
#
loop_
_entity.id
_entity.type
_entity.pdbx_description
1 polymer 'Oxysterols receptor LXR-beta'
2 polymer 'nuclear receptor coactivator 1 isoform 3'
3 non-polymer '17-[3-(3,3-DIMETHYL-OXIRANYL)-1-METHYL-PROPYL]-10,13-DIMETHYL-2,3,4,7,8,9,10,11,12,13,14,15,16,17-TETRADECAHYDRO-1H-CYC LOPENTA[A]PHENANTHREN-3-OL'
4 water water
#
loop_
_entity_poly.entity_id
_entity_poly.type
_entity_poly.pdbx_seq_one_letter_code
_entity_poly.pdbx_strand_id
1 'polypeptide(L)'
;GSEGEGVQLTAAQELMIQQLVAAQLQCNKRSFSDQPKVTPWPLGADPQSRDARQQRFAHFTELAIISVQEIVDFAKQVPG
FLQLGREDQIALLKASTIEIMLLETARRYNHETECITFLKDFTYSKDDFHRAGLQVEFINPIFEFSRAMRRLGLDDAEYA
LLIAINIFSADRPNVQEPGRVEALQQPYVEALLSYTRIKRPQDQLRFPRMLMKLVSLRTLSSVHSEQVFALRLQDKKLPP
LLSEIWDVHE
;
A,B
2 'polypeptide(L)' CPSSHSSLTERHKILHRLLQEGSPS C,D
#
loop_
_chem_comp.id
_chem_comp.type
_chem_comp.name
_chem_comp.formula
CO1 non-polymer '17-[3-(3,3-DIMETHYL-OXIRANYL)-1-METHYL-PROPYL]-10,13-DIMETHYL-2,3,4,7,8,9,10,11,12,13,14,15,16,17-TETRADECAHYDRO-1H-CYC LOPENTA[A]PHENANTHREN-3-OL' 'C27 H44 O2'
#
# COMPACT_ATOMS: atom_id res chain seq x y z
N VAL A 7 -14.54 -22.84 15.51
CA VAL A 7 -13.32 -23.69 15.31
C VAL A 7 -12.27 -23.33 16.35
N GLN A 8 -11.11 -23.96 16.24
CA GLN A 8 -10.00 -23.69 17.14
C GLN A 8 -8.67 -23.82 16.40
N LEU A 9 -7.58 -23.49 17.08
CA LEU A 9 -6.26 -23.59 16.47
C LEU A 9 -5.86 -25.05 16.31
N THR A 10 -5.24 -25.38 15.20
CA THR A 10 -4.79 -26.76 15.01
C THR A 10 -3.53 -26.94 15.84
N ALA A 11 -3.27 -28.17 16.26
CA ALA A 11 -2.10 -28.38 17.08
C ALA A 11 -0.87 -27.83 16.32
N ALA A 12 -0.94 -27.96 15.00
CA ALA A 12 0.12 -27.50 14.15
C ALA A 12 0.25 -26.00 14.26
N GLN A 13 -0.79 -25.27 13.85
CA GLN A 13 -0.80 -23.81 13.92
C GLN A 13 -0.37 -23.28 15.29
N GLU A 14 -0.95 -23.83 16.34
CA GLU A 14 -0.57 -23.38 17.64
C GLU A 14 0.94 -23.46 17.76
N LEU A 15 1.50 -24.61 17.40
CA LEU A 15 2.94 -24.86 17.49
C LEU A 15 3.69 -23.89 16.61
N MET A 16 3.14 -23.59 15.46
CA MET A 16 3.77 -22.62 14.58
C MET A 16 3.73 -21.21 15.26
N ILE A 17 2.56 -20.77 15.72
CA ILE A 17 2.42 -19.46 16.36
C ILE A 17 3.34 -19.33 17.55
N GLN A 18 3.52 -20.41 18.32
CA GLN A 18 4.47 -20.38 19.43
C GLN A 18 5.90 -20.26 18.86
N GLN A 19 6.19 -21.02 17.82
CA GLN A 19 7.46 -21.00 17.10
C GLN A 19 7.80 -19.53 16.82
N LEU A 20 6.94 -18.84 16.06
CA LEU A 20 7.19 -17.47 15.69
C LEU A 20 7.38 -16.53 16.85
N VAL A 21 6.46 -16.58 17.81
CA VAL A 21 6.56 -15.68 18.96
C VAL A 21 7.86 -15.90 19.69
N ALA A 22 8.28 -17.16 19.81
CA ALA A 22 9.55 -17.46 20.48
C ALA A 22 10.76 -16.97 19.65
N ALA A 23 10.80 -17.35 18.37
CA ALA A 23 11.90 -16.90 17.50
C ALA A 23 12.01 -15.35 17.53
N GLN A 24 10.86 -14.68 17.60
CA GLN A 24 10.85 -13.22 17.64
C GLN A 24 11.43 -12.69 18.94
N LEU A 25 11.29 -13.45 20.00
CA LEU A 25 11.83 -13.09 21.29
C LEU A 25 13.36 -13.31 21.31
N GLN A 26 13.78 -14.49 20.87
CA GLN A 26 15.20 -14.78 20.87
C GLN A 26 16.05 -13.87 19.95
N CYS A 27 15.53 -13.54 18.78
CA CYS A 27 16.28 -12.73 17.85
C CYS A 27 16.41 -11.35 18.45
N ASN A 28 15.38 -10.91 19.17
CA ASN A 28 15.43 -9.61 19.81
C ASN A 28 16.53 -9.60 20.90
N LYS A 29 16.54 -10.63 21.74
CA LYS A 29 17.57 -10.70 22.77
C LYS A 29 18.96 -10.70 22.11
N ARG A 30 19.09 -11.46 21.03
CA ARG A 30 20.36 -11.55 20.36
C ARG A 30 20.84 -10.31 19.63
N SER A 31 20.06 -9.25 19.62
CA SER A 31 20.49 -8.05 18.93
C SER A 31 20.50 -6.87 19.89
N PHE A 32 19.57 -6.87 20.86
CA PHE A 32 19.48 -5.77 21.78
C PHE A 32 19.72 -6.05 23.26
N SER A 33 20.20 -7.24 23.57
CA SER A 33 20.51 -7.55 24.95
C SER A 33 21.78 -6.84 25.35
N ASP A 34 22.37 -6.10 24.41
CA ASP A 34 23.60 -5.37 24.68
C ASP A 34 23.42 -3.90 24.34
N GLN A 35 23.46 -3.02 25.33
CA GLN A 35 23.27 -1.61 25.08
C GLN A 35 24.23 -1.23 23.97
N PRO A 36 23.72 -1.26 22.72
CA PRO A 36 24.45 -0.96 21.49
C PRO A 36 25.61 -0.02 21.57
N LYS A 37 26.59 -0.27 20.70
CA LYS A 37 27.80 0.53 20.64
C LYS A 37 27.60 1.67 19.70
N VAL A 38 26.53 2.43 19.91
CA VAL A 38 26.24 3.52 19.02
C VAL A 38 26.34 4.90 19.65
N THR A 39 26.73 5.86 18.81
CA THR A 39 26.88 7.24 19.17
C THR A 39 25.81 7.61 20.20
N PRO A 40 26.21 8.20 21.33
CA PRO A 40 25.25 8.59 22.36
C PRO A 40 24.35 9.79 22.03
N TRP A 41 23.12 9.77 22.51
CA TRP A 41 22.22 10.87 22.27
C TRP A 41 22.71 12.08 23.08
N PRO A 42 22.92 13.23 22.41
CA PRO A 42 23.34 14.45 23.09
C PRO A 42 22.27 15.05 24.00
N LEU A 43 22.40 16.36 24.25
CA LEU A 43 21.55 16.93 25.28
C LEU A 43 21.82 18.42 25.60
N GLN A 48 22.99 23.64 22.21
CA GLN A 48 22.91 22.68 21.10
C GLN A 48 23.95 22.94 20.01
N SER A 49 24.01 22.08 19.01
CA SER A 49 25.02 22.26 18.01
C SER A 49 24.94 21.30 16.85
N ARG A 50 25.91 21.44 15.95
CA ARG A 50 25.99 20.58 14.79
C ARG A 50 26.67 19.26 15.10
N ASP A 51 26.97 19.00 16.37
CA ASP A 51 27.62 17.74 16.74
C ASP A 51 26.59 16.81 17.33
N ALA A 52 25.42 17.34 17.60
CA ALA A 52 24.34 16.53 18.14
C ALA A 52 23.36 16.32 17.00
N ARG A 53 23.27 17.34 16.15
CA ARG A 53 22.36 17.25 15.02
C ARG A 53 22.93 16.23 14.06
N GLN A 54 24.23 15.99 14.21
CA GLN A 54 24.91 15.03 13.34
C GLN A 54 25.22 13.79 14.11
N GLN A 55 25.02 13.85 15.42
CA GLN A 55 25.22 12.69 16.29
C GLN A 55 23.86 12.04 16.44
N ARG A 56 22.84 12.84 16.74
CA ARG A 56 21.49 12.31 16.93
C ARG A 56 21.18 11.50 15.72
N PHE A 57 21.42 12.07 14.55
CA PHE A 57 21.13 11.35 13.33
C PHE A 57 21.90 10.05 13.23
N ALA A 58 23.15 10.07 13.72
CA ALA A 58 23.98 8.88 13.70
C ALA A 58 23.40 7.86 14.70
N HIS A 59 22.86 8.40 15.81
CA HIS A 59 22.25 7.58 16.85
C HIS A 59 21.12 6.68 16.25
N PHE A 60 20.19 7.28 15.51
CA PHE A 60 19.09 6.54 14.92
C PHE A 60 19.63 5.63 13.83
N THR A 61 20.39 6.19 12.90
CA THR A 61 20.95 5.41 11.79
C THR A 61 21.71 4.18 12.23
N GLU A 62 22.53 4.35 13.27
CA GLU A 62 23.33 3.24 13.82
C GLU A 62 22.46 2.22 14.52
N LEU A 63 21.37 2.69 15.13
CA LEU A 63 20.45 1.79 15.81
C LEU A 63 19.66 1.05 14.73
N ALA A 64 19.18 1.76 13.73
CA ALA A 64 18.44 1.08 12.66
C ALA A 64 19.23 -0.13 12.10
N ILE A 65 20.54 0.02 11.92
CA ILE A 65 21.38 -1.07 11.39
C ILE A 65 21.09 -2.31 12.22
N ILE A 66 21.33 -2.22 13.52
CA ILE A 66 21.07 -3.38 14.37
C ILE A 66 19.69 -3.93 14.01
N SER A 67 18.71 -3.03 13.87
CA SER A 67 17.36 -3.48 13.53
C SER A 67 17.35 -4.32 12.23
N VAL A 68 18.07 -3.87 11.21
CA VAL A 68 18.13 -4.64 9.99
C VAL A 68 18.66 -6.04 10.30
N GLN A 69 19.70 -6.12 11.13
CA GLN A 69 20.29 -7.42 11.48
C GLN A 69 19.32 -8.33 12.23
N GLU A 70 18.44 -7.73 13.05
CA GLU A 70 17.45 -8.48 13.83
C GLU A 70 16.40 -8.99 12.85
N ILE A 71 15.96 -8.09 11.97
CA ILE A 71 14.99 -8.45 10.96
C ILE A 71 15.48 -9.62 10.09
N VAL A 72 16.68 -9.47 9.52
CA VAL A 72 17.22 -10.56 8.72
C VAL A 72 17.29 -11.85 9.52
N ASP A 73 17.76 -11.71 10.75
CA ASP A 73 17.92 -12.84 11.66
C ASP A 73 16.55 -13.51 11.96
N PHE A 74 15.49 -12.72 12.14
CA PHE A 74 14.18 -13.29 12.36
C PHE A 74 13.49 -13.92 11.10
N ALA A 75 13.68 -13.32 9.92
CA ALA A 75 13.08 -13.87 8.69
C ALA A 75 13.67 -15.24 8.41
N LYS A 76 14.90 -15.45 8.87
CA LYS A 76 15.61 -16.69 8.69
C LYS A 76 14.95 -17.77 9.52
N GLN A 77 14.15 -17.34 10.47
CA GLN A 77 13.46 -18.25 11.37
C GLN A 77 12.02 -18.48 10.94
N VAL A 78 11.51 -17.67 10.00
CA VAL A 78 10.13 -17.81 9.53
C VAL A 78 10.08 -18.98 8.57
N PRO A 79 9.41 -20.05 8.97
CA PRO A 79 9.28 -21.26 8.17
C PRO A 79 8.94 -20.94 6.74
N GLY A 80 9.76 -21.43 5.82
CA GLY A 80 9.53 -21.20 4.42
C GLY A 80 10.48 -20.19 3.84
N PHE A 81 10.87 -19.18 4.62
CA PHE A 81 11.76 -18.16 4.11
C PHE A 81 13.06 -18.70 3.51
N LEU A 82 13.75 -19.56 4.24
CA LEU A 82 15.02 -20.08 3.73
C LEU A 82 14.91 -21.03 2.54
N GLN A 83 13.70 -21.41 2.18
CA GLN A 83 13.51 -22.30 1.04
C GLN A 83 13.52 -21.52 -0.30
N LEU A 84 13.36 -20.20 -0.24
CA LEU A 84 13.37 -19.38 -1.46
C LEU A 84 14.82 -19.16 -1.89
N GLY A 85 15.01 -18.44 -2.97
CA GLY A 85 16.35 -18.19 -3.45
C GLY A 85 16.89 -16.91 -2.83
N ARG A 86 18.19 -16.87 -2.62
CA ARG A 86 18.83 -15.70 -2.04
C ARG A 86 18.37 -14.41 -2.73
N GLU A 87 18.14 -14.47 -4.03
CA GLU A 87 17.70 -13.28 -4.74
C GLU A 87 16.38 -12.84 -4.12
N ASP A 88 15.39 -13.72 -4.21
CA ASP A 88 14.09 -13.40 -3.64
C ASP A 88 14.17 -13.08 -2.14
N GLN A 89 15.14 -13.64 -1.42
CA GLN A 89 15.24 -13.34 0.01
C GLN A 89 15.61 -11.87 0.12
N ILE A 90 16.45 -11.41 -0.79
CA ILE A 90 16.84 -10.04 -0.72
C ILE A 90 15.69 -9.13 -1.11
N ALA A 91 15.06 -9.41 -2.25
CA ALA A 91 13.94 -8.63 -2.75
C ALA A 91 12.94 -8.43 -1.64
N LEU A 92 12.55 -9.52 -1.00
CA LEU A 92 11.56 -9.47 0.07
C LEU A 92 12.03 -8.66 1.29
N LEU A 93 13.21 -8.98 1.77
CA LEU A 93 13.77 -8.34 2.93
C LEU A 93 14.04 -6.86 2.68
N LYS A 94 14.53 -6.55 1.50
CA LYS A 94 14.82 -5.16 1.16
C LYS A 94 13.59 -4.22 1.12
N ALA A 95 12.40 -4.76 0.95
CA ALA A 95 11.22 -3.93 0.90
C ALA A 95 10.47 -3.95 2.24
N SER A 96 10.65 -5.00 3.05
CA SER A 96 9.87 -5.00 4.28
C SER A 96 10.54 -4.41 5.49
N THR A 97 11.84 -4.13 5.36
CA THR A 97 12.59 -3.59 6.48
C THR A 97 11.94 -2.34 6.98
N ILE A 98 11.69 -1.34 6.13
CA ILE A 98 11.05 -0.11 6.64
C ILE A 98 9.62 -0.37 7.18
N GLU A 99 8.88 -1.25 6.51
CA GLU A 99 7.55 -1.53 6.98
C GLU A 99 7.58 -2.27 8.33
N ILE A 100 8.44 -3.29 8.41
CA ILE A 100 8.57 -4.09 9.62
C ILE A 100 9.06 -3.19 10.75
N MET A 101 9.96 -2.28 10.43
CA MET A 101 10.44 -1.34 11.45
C MET A 101 9.24 -0.57 12.01
N LEU A 102 8.43 0.02 11.12
CA LEU A 102 7.24 0.77 11.56
C LEU A 102 6.24 -0.15 12.30
N LEU A 103 6.28 -1.45 12.00
CA LEU A 103 5.37 -2.29 12.74
C LEU A 103 5.90 -2.27 14.20
N GLU A 104 7.20 -2.55 14.34
CA GLU A 104 7.83 -2.60 15.64
C GLU A 104 7.74 -1.28 16.41
N THR A 105 7.99 -0.19 15.69
CA THR A 105 7.93 1.15 16.26
C THR A 105 6.53 1.32 16.84
N ALA A 106 5.54 0.82 16.11
CA ALA A 106 4.18 0.93 16.57
C ALA A 106 3.97 0.10 17.83
N ARG A 107 4.32 -1.18 17.77
CA ARG A 107 4.16 -2.06 18.92
C ARG A 107 4.84 -1.52 20.18
N ARG A 108 5.88 -0.71 19.98
CA ARG A 108 6.64 -0.16 21.08
C ARG A 108 6.22 1.23 21.48
N TYR A 109 5.06 1.64 20.99
CA TYR A 109 4.51 2.98 21.27
C TYR A 109 3.69 3.09 22.52
N ASN A 110 3.96 4.14 23.27
CA ASN A 110 3.28 4.40 24.53
C ASN A 110 2.24 5.52 24.32
N HIS A 111 0.96 5.27 24.61
CA HIS A 111 -0.05 6.30 24.39
C HIS A 111 -0.05 7.44 25.37
N GLU A 112 0.10 7.13 26.64
CA GLU A 112 0.11 8.16 27.65
C GLU A 112 1.27 9.11 27.47
N THR A 113 2.46 8.59 27.12
CA THR A 113 3.65 9.44 26.98
C THR A 113 3.99 9.86 25.54
N GLU A 114 3.26 9.26 24.60
CA GLU A 114 3.42 9.49 23.15
C GLU A 114 4.86 9.26 22.65
N CYS A 115 5.65 8.48 23.40
CA CYS A 115 7.02 8.20 23.03
C CYS A 115 7.23 6.79 22.61
N ILE A 116 8.14 6.61 21.66
CA ILE A 116 8.41 5.28 21.18
C ILE A 116 9.65 4.83 21.88
N THR A 117 9.54 3.76 22.64
CA THR A 117 10.72 3.30 23.33
C THR A 117 11.32 2.03 22.68
N PHE A 118 12.45 2.22 22.04
CA PHE A 118 13.15 1.14 21.37
C PHE A 118 13.61 0.05 22.31
N LEU A 119 14.33 0.44 23.36
CA LEU A 119 14.91 -0.50 24.31
C LEU A 119 14.58 -0.02 25.66
N LYS A 120 15.17 -0.64 26.70
CA LYS A 120 14.96 -0.12 28.04
C LYS A 120 16.04 1.00 28.07
N ASP A 121 15.69 2.07 28.77
CA ASP A 121 16.42 3.32 28.81
C ASP A 121 16.89 3.80 27.40
N PHE A 122 15.99 3.70 26.43
CA PHE A 122 16.16 4.11 24.99
C PHE A 122 14.81 4.55 24.40
N THR A 123 14.31 5.71 24.82
CA THR A 123 13.01 6.21 24.37
C THR A 123 13.06 7.53 23.56
N TYR A 124 12.15 7.71 22.63
CA TYR A 124 12.15 8.93 21.83
C TYR A 124 10.75 9.49 21.58
N SER A 125 10.68 10.81 21.63
CA SER A 125 9.46 11.56 21.44
C SER A 125 9.36 11.92 19.97
N LYS A 126 8.32 12.65 19.60
CA LYS A 126 8.21 13.06 18.21
C LYS A 126 9.34 14.07 17.97
N ASP A 127 9.51 15.00 18.90
CA ASP A 127 10.53 16.00 18.70
C ASP A 127 11.93 15.40 18.69
N ASP A 128 12.09 14.21 19.27
CA ASP A 128 13.41 13.59 19.22
C ASP A 128 13.73 13.22 17.77
N PHE A 129 12.69 12.78 17.06
CA PHE A 129 12.77 12.42 15.64
C PHE A 129 13.07 13.64 14.82
N HIS A 130 12.43 14.76 15.16
CA HIS A 130 12.70 15.96 14.41
C HIS A 130 14.15 16.36 14.65
N ARG A 131 14.55 16.37 15.91
CA ARG A 131 15.90 16.73 16.27
C ARG A 131 16.85 15.79 15.56
N ALA A 132 16.51 14.50 15.59
CA ALA A 132 17.33 13.47 14.95
C ALA A 132 17.57 13.70 13.44
N GLY A 133 16.88 14.67 12.83
CA GLY A 133 17.10 14.96 11.43
C GLY A 133 15.94 14.68 10.49
N LEU A 134 15.01 13.83 10.95
CA LEU A 134 13.85 13.43 10.14
C LEU A 134 12.85 14.53 9.87
N GLN A 135 12.19 14.43 8.73
CA GLN A 135 11.14 15.37 8.29
C GLN A 135 9.79 15.16 8.99
N VAL A 136 9.11 16.28 9.28
CA VAL A 136 7.78 16.26 9.89
C VAL A 136 6.86 15.44 8.94
N GLU A 137 7.19 15.48 7.65
CA GLU A 137 6.43 14.76 6.64
C GLU A 137 6.43 13.27 6.92
N PHE A 138 7.54 12.78 7.45
CA PHE A 138 7.71 11.36 7.78
C PHE A 138 7.25 11.04 9.23
N ILE A 139 7.73 11.81 10.20
CA ILE A 139 7.41 11.67 11.63
C ILE A 139 5.88 11.58 11.96
N ASN A 140 5.12 12.60 11.56
CA ASN A 140 3.68 12.56 11.85
C ASN A 140 3.01 11.26 11.39
N PRO A 141 3.17 10.86 10.11
CA PRO A 141 2.56 9.62 9.61
C PRO A 141 2.91 8.38 10.43
N ILE A 142 4.15 8.30 10.94
CA ILE A 142 4.50 7.13 11.74
C ILE A 142 3.84 7.16 13.12
N PHE A 143 3.72 8.35 13.68
CA PHE A 143 3.07 8.40 14.98
C PHE A 143 1.59 8.23 14.81
N GLU A 144 1.09 8.66 13.66
CA GLU A 144 -0.32 8.50 13.41
C GLU A 144 -0.57 7.01 13.19
N PHE A 145 0.41 6.35 12.60
CA PHE A 145 0.25 4.95 12.34
C PHE A 145 0.33 4.16 13.61
N SER A 146 1.19 4.64 14.53
CA SER A 146 1.37 3.99 15.82
C SER A 146 0.10 3.98 16.65
N ARG A 147 -0.69 5.06 16.57
CA ARG A 147 -1.95 5.17 17.31
C ARG A 147 -2.99 4.28 16.66
N ALA A 148 -2.99 4.26 15.35
CA ALA A 148 -3.93 3.38 14.66
C ALA A 148 -3.65 1.96 15.12
N MET A 149 -2.37 1.60 15.17
CA MET A 149 -1.99 0.28 15.60
C MET A 149 -2.47 -0.06 17.01
N ARG A 150 -2.27 0.82 17.99
CA ARG A 150 -2.76 0.49 19.32
C ARG A 150 -4.27 0.34 19.36
N ARG A 151 -4.95 1.08 18.47
CA ARG A 151 -6.39 1.04 18.39
C ARG A 151 -6.90 -0.36 18.09
N LEU A 152 -6.04 -1.22 17.57
CA LEU A 152 -6.45 -2.58 17.25
C LEU A 152 -6.14 -3.57 18.38
N GLY A 153 -5.32 -3.11 19.32
CA GLY A 153 -4.94 -3.94 20.47
C GLY A 153 -4.32 -5.27 20.13
N LEU A 154 -3.31 -5.23 19.27
CA LEU A 154 -2.61 -6.43 18.87
C LEU A 154 -1.64 -6.94 19.92
N ASP A 155 -1.49 -8.25 20.02
CA ASP A 155 -0.54 -8.82 20.98
C ASP A 155 0.70 -9.37 20.26
N ASP A 156 1.47 -10.14 20.98
CA ASP A 156 2.71 -10.67 20.43
C ASP A 156 2.54 -11.67 19.27
N ALA A 157 1.47 -12.48 19.34
CA ALA A 157 1.22 -13.49 18.32
C ALA A 157 0.75 -12.85 17.04
N GLU A 158 -0.11 -11.85 17.19
CA GLU A 158 -0.66 -11.17 16.04
C GLU A 158 0.43 -10.36 15.36
N TYR A 159 1.30 -9.72 16.12
CA TYR A 159 2.37 -8.95 15.50
C TYR A 159 3.31 -9.91 14.79
N ALA A 160 3.70 -10.97 15.46
CA ALA A 160 4.61 -11.88 14.81
C ALA A 160 3.98 -12.30 13.48
N LEU A 161 2.72 -12.70 13.55
CA LEU A 161 2.00 -13.15 12.38
C LEU A 161 1.88 -12.06 11.29
N LEU A 162 1.70 -10.80 11.72
CA LEU A 162 1.52 -9.74 10.74
C LEU A 162 2.81 -9.40 10.04
N ILE A 163 3.92 -9.54 10.78
CA ILE A 163 5.24 -9.29 10.23
C ILE A 163 5.60 -10.45 9.29
N ALA A 164 5.19 -11.67 9.63
CA ALA A 164 5.48 -12.77 8.72
C ALA A 164 4.71 -12.48 7.43
N ILE A 165 3.40 -12.36 7.54
CA ILE A 165 2.57 -12.06 6.38
C ILE A 165 3.20 -10.94 5.52
N ASN A 166 3.78 -9.94 6.17
CA ASN A 166 4.42 -8.82 5.47
C ASN A 166 5.65 -9.21 4.66
N ILE A 167 6.52 -10.03 5.23
CA ILE A 167 7.74 -10.48 4.57
C ILE A 167 7.44 -11.19 3.24
N PHE A 168 6.38 -11.98 3.22
CA PHE A 168 5.98 -12.73 2.03
C PHE A 168 5.01 -12.00 1.11
N SER A 169 5.37 -10.78 0.73
CA SER A 169 4.52 -10.02 -0.16
C SER A 169 4.98 -10.31 -1.60
N ALA A 170 4.21 -11.08 -2.36
CA ALA A 170 4.60 -11.41 -3.74
C ALA A 170 4.86 -10.23 -4.68
N ASP A 171 4.07 -9.17 -4.54
CA ASP A 171 4.20 -8.00 -5.39
C ASP A 171 5.41 -7.13 -5.12
N ARG A 172 6.26 -7.49 -4.16
CA ARG A 172 7.43 -6.66 -3.87
C ARG A 172 8.25 -6.65 -5.13
N PRO A 173 8.89 -5.52 -5.41
CA PRO A 173 9.73 -5.38 -6.61
C PRO A 173 10.75 -6.52 -6.80
N ASN A 174 10.92 -6.93 -8.06
CA ASN A 174 11.93 -7.93 -8.45
C ASN A 174 11.79 -9.35 -7.89
N VAL A 175 10.63 -9.69 -7.38
CA VAL A 175 10.52 -11.06 -6.91
C VAL A 175 10.56 -12.01 -8.13
N GLN A 176 11.35 -13.07 -8.01
CA GLN A 176 11.45 -14.05 -9.08
C GLN A 176 10.29 -15.05 -9.05
N GLU A 177 9.99 -15.55 -7.87
CA GLU A 177 8.93 -16.50 -7.70
C GLU A 177 7.79 -15.94 -6.87
N PRO A 178 7.08 -14.93 -7.38
CA PRO A 178 5.97 -14.33 -6.64
C PRO A 178 4.97 -15.39 -6.29
N GLY A 179 4.44 -16.07 -7.30
CA GLY A 179 3.47 -17.13 -7.07
C GLY A 179 3.91 -18.05 -5.95
N ARG A 180 5.22 -18.18 -5.82
CA ARG A 180 5.79 -19.00 -4.76
C ARG A 180 5.76 -18.19 -3.45
N VAL A 181 6.19 -16.93 -3.50
CA VAL A 181 6.17 -16.10 -2.31
C VAL A 181 4.73 -16.06 -1.79
N GLU A 182 3.78 -15.91 -2.69
CA GLU A 182 2.39 -15.84 -2.29
C GLU A 182 1.95 -17.13 -1.63
N ALA A 183 2.39 -18.26 -2.15
CA ALA A 183 1.99 -19.52 -1.57
C ALA A 183 2.49 -19.54 -0.13
N LEU A 184 3.73 -19.06 0.07
CA LEU A 184 4.37 -19.03 1.40
C LEU A 184 3.66 -18.12 2.40
N GLN A 185 2.88 -17.18 1.92
CA GLN A 185 2.22 -16.28 2.81
C GLN A 185 0.98 -16.84 3.44
N GLN A 186 0.16 -17.45 2.62
CA GLN A 186 -1.11 -17.95 3.04
C GLN A 186 -1.20 -18.71 4.34
N PRO A 187 -0.28 -19.62 4.58
CA PRO A 187 -0.36 -20.36 5.86
C PRO A 187 -0.46 -19.38 7.05
N TYR A 188 0.25 -18.25 6.96
CA TYR A 188 0.29 -17.24 8.02
C TYR A 188 -0.98 -16.43 8.05
N VAL A 189 -1.47 -16.04 6.88
CA VAL A 189 -2.73 -15.29 6.89
C VAL A 189 -3.72 -16.14 7.67
N GLU A 190 -3.93 -17.38 7.23
CA GLU A 190 -4.83 -18.29 7.94
C GLU A 190 -4.65 -18.24 9.44
N ALA A 191 -3.42 -18.51 9.90
CA ALA A 191 -3.11 -18.50 11.30
C ALA A 191 -3.72 -17.25 11.93
N LEU A 192 -3.56 -16.09 11.28
CA LEU A 192 -4.11 -14.85 11.83
C LEU A 192 -5.64 -14.86 11.84
N LEU A 193 -6.23 -15.30 10.71
CA LEU A 193 -7.70 -15.41 10.54
C LEU A 193 -8.29 -16.23 11.68
N SER A 194 -7.78 -17.43 11.86
CA SER A 194 -8.24 -18.32 12.90
C SER A 194 -7.94 -17.77 14.29
N TYR A 195 -6.81 -17.09 14.46
CA TYR A 195 -6.44 -16.54 15.76
C TYR A 195 -7.43 -15.48 16.15
N THR A 196 -7.61 -14.49 15.27
CA THR A 196 -8.54 -13.39 15.51
C THR A 196 -9.99 -13.90 15.77
N ARG A 197 -10.42 -14.94 15.05
CA ARG A 197 -11.75 -15.52 15.24
C ARG A 197 -11.91 -15.96 16.71
N ILE A 198 -10.86 -16.55 17.28
CA ILE A 198 -10.86 -16.96 18.68
C ILE A 198 -10.80 -15.74 19.64
N LYS A 199 -9.93 -14.79 19.32
CA LYS A 199 -9.77 -13.63 20.17
C LYS A 199 -10.99 -12.70 20.29
N ARG A 200 -11.71 -12.47 19.22
CA ARG A 200 -12.88 -11.59 19.30
C ARG A 200 -13.86 -12.13 18.31
N PRO A 201 -14.47 -13.28 18.62
CA PRO A 201 -15.42 -13.82 17.64
C PRO A 201 -16.56 -12.88 17.37
N GLN A 202 -16.91 -12.06 18.37
CA GLN A 202 -18.00 -11.14 18.19
C GLN A 202 -17.64 -9.87 17.38
N ASP A 203 -16.46 -9.85 16.76
CA ASP A 203 -15.97 -8.70 15.98
C ASP A 203 -15.19 -9.16 14.73
N GLN A 204 -15.93 -9.72 13.79
CA GLN A 204 -15.36 -10.20 12.55
C GLN A 204 -14.59 -9.18 11.75
N LEU A 205 -14.98 -7.91 11.76
CA LEU A 205 -14.24 -6.93 10.97
C LEU A 205 -12.85 -6.54 11.51
N ARG A 206 -12.51 -7.03 12.70
CA ARG A 206 -11.20 -6.75 13.29
C ARG A 206 -10.04 -7.40 12.50
N PHE A 207 -10.28 -8.53 11.85
CA PHE A 207 -9.22 -9.11 11.04
C PHE A 207 -8.93 -8.21 9.81
N PRO A 208 -9.98 -7.71 9.13
CA PRO A 208 -9.73 -6.86 7.96
C PRO A 208 -9.11 -5.51 8.35
N ARG A 209 -9.40 -5.04 9.57
CA ARG A 209 -8.83 -3.77 10.00
C ARG A 209 -7.32 -3.98 10.07
N MET A 210 -6.94 -5.20 10.43
CA MET A 210 -5.54 -5.55 10.55
C MET A 210 -4.86 -5.51 9.18
N LEU A 211 -5.31 -6.37 8.27
CA LEU A 211 -4.74 -6.40 6.93
C LEU A 211 -4.68 -4.96 6.44
N MET A 212 -5.73 -4.19 6.68
CA MET A 212 -5.74 -2.78 6.29
C MET A 212 -4.41 -2.03 6.62
N LYS A 213 -3.75 -2.37 7.74
CA LYS A 213 -2.51 -1.72 8.12
C LYS A 213 -1.40 -1.96 7.11
N LEU A 214 -1.50 -3.08 6.39
CA LEU A 214 -0.54 -3.38 5.34
C LEU A 214 -0.70 -2.31 4.24
N VAL A 215 -1.91 -1.81 4.07
CA VAL A 215 -2.18 -0.80 3.06
C VAL A 215 -1.39 0.46 3.42
N SER A 216 -1.51 0.85 4.67
CA SER A 216 -0.80 2.02 5.13
C SER A 216 0.73 1.89 5.17
N LEU A 217 1.23 0.67 5.42
CA LEU A 217 2.68 0.46 5.45
C LEU A 217 3.27 0.74 4.07
N ARG A 218 2.47 0.64 3.01
CA ARG A 218 3.05 0.91 1.70
C ARG A 218 3.20 2.41 1.59
N THR A 219 2.15 3.15 1.91
CA THR A 219 2.23 4.62 1.85
C THR A 219 3.41 5.12 2.71
N LEU A 220 3.54 4.55 3.90
CA LEU A 220 4.64 4.93 4.77
C LEU A 220 5.97 4.64 4.09
N SER A 221 6.07 3.48 3.45
CA SER A 221 7.28 3.09 2.74
C SER A 221 7.57 4.13 1.65
N SER A 222 6.54 4.69 1.02
CA SER A 222 6.80 5.72 0.00
C SER A 222 7.28 7.01 0.64
N VAL A 223 6.62 7.40 1.73
CA VAL A 223 6.96 8.64 2.42
C VAL A 223 8.41 8.60 2.86
N HIS A 224 8.79 7.43 3.40
CA HIS A 224 10.15 7.15 3.87
C HIS A 224 11.15 7.25 2.75
N SER A 225 10.73 6.90 1.56
CA SER A 225 11.63 7.01 0.43
C SER A 225 11.86 8.50 0.15
N GLU A 226 10.79 9.31 0.28
CA GLU A 226 10.91 10.74 0.05
C GLU A 226 11.73 11.34 1.18
N GLN A 227 11.84 10.60 2.27
CA GLN A 227 12.62 11.02 3.42
C GLN A 227 14.09 10.72 3.11
N VAL A 228 14.33 9.65 2.37
CA VAL A 228 15.68 9.22 1.98
C VAL A 228 16.17 10.19 0.92
N PHE A 229 15.31 10.38 -0.07
CA PHE A 229 15.55 11.27 -1.18
C PHE A 229 15.93 12.66 -0.69
N ALA A 230 15.23 13.13 0.33
CA ALA A 230 15.49 14.45 0.87
C ALA A 230 16.70 14.42 1.80
N LEU A 231 16.98 13.25 2.33
CA LEU A 231 18.10 13.08 3.24
C LEU A 231 19.39 13.34 2.48
N ARG A 232 19.46 12.73 1.31
CA ARG A 232 20.59 12.83 0.44
C ARG A 232 20.54 14.13 -0.36
N LEU A 233 19.86 15.12 0.20
CA LEU A 233 19.84 16.44 -0.39
C LEU A 233 20.53 17.33 0.63
N GLN A 234 20.66 16.79 1.83
CA GLN A 234 21.40 17.44 2.88
C GLN A 234 22.80 16.80 2.88
N ASP A 235 23.53 16.96 3.98
CA ASP A 235 24.85 16.36 4.07
C ASP A 235 24.70 15.06 4.87
N LYS A 236 23.46 14.64 5.06
CA LYS A 236 23.19 13.43 5.80
C LYS A 236 23.20 12.21 4.90
N LYS A 237 24.21 11.37 5.07
CA LYS A 237 24.31 10.15 4.29
C LYS A 237 24.12 8.92 5.15
N LEU A 238 23.44 7.92 4.58
CA LEU A 238 23.14 6.67 5.27
C LEU A 238 24.32 5.71 5.32
N PRO A 239 24.64 5.17 6.51
CA PRO A 239 25.78 4.24 6.52
C PRO A 239 25.49 3.15 5.50
N PRO A 240 26.56 2.57 4.91
CA PRO A 240 26.52 1.51 3.89
C PRO A 240 25.35 0.51 3.90
N LEU A 241 25.16 -0.21 5.01
CA LEU A 241 24.06 -1.17 5.05
C LEU A 241 22.69 -0.58 4.70
N LEU A 242 22.32 0.53 5.35
CA LEU A 242 21.04 1.18 5.09
C LEU A 242 21.01 1.68 3.68
N SER A 243 22.06 2.41 3.32
CA SER A 243 22.20 2.96 1.98
C SER A 243 21.96 1.92 0.88
N GLU A 244 22.26 0.66 1.18
CA GLU A 244 22.12 -0.40 0.21
C GLU A 244 20.68 -0.68 -0.04
N ILE A 245 19.94 -0.86 1.05
CA ILE A 245 18.51 -1.17 1.04
C ILE A 245 17.63 0.00 0.68
N TRP A 246 18.11 1.22 0.92
CA TRP A 246 17.30 2.41 0.70
C TRP A 246 17.76 3.42 -0.31
N ASP A 247 19.07 3.55 -0.45
CA ASP A 247 19.56 4.51 -1.39
C ASP A 247 19.33 4.07 -2.82
N VAL A 248 19.09 5.04 -3.69
CA VAL A 248 18.89 4.77 -5.11
C VAL A 248 20.26 4.82 -5.76
N HIS A 249 20.81 3.66 -6.09
CA HIS A 249 22.13 3.62 -6.70
C HIS A 249 22.20 2.55 -7.78
N GLU A 250 22.62 2.93 -8.99
CA GLU A 250 22.73 2.01 -10.12
C GLU A 250 22.49 0.53 -9.74
N VAL B 7 -23.34 -18.34 4.70
CA VAL B 7 -24.51 -17.68 5.38
C VAL B 7 -24.95 -16.51 4.56
N GLN B 8 -26.26 -16.45 4.35
CA GLN B 8 -26.89 -15.44 3.55
C GLN B 8 -26.93 -14.00 4.03
N LEU B 9 -26.75 -13.14 3.05
CA LEU B 9 -26.78 -11.68 3.08
C LEU B 9 -28.08 -11.19 3.68
N THR B 10 -28.04 -10.00 4.24
CA THR B 10 -29.29 -9.48 4.78
C THR B 10 -29.96 -8.76 3.60
N ALA B 11 -31.17 -8.27 3.83
CA ALA B 11 -31.91 -7.59 2.80
C ALA B 11 -31.22 -6.26 2.56
N ALA B 12 -30.83 -5.63 3.66
CA ALA B 12 -30.17 -4.35 3.58
C ALA B 12 -28.90 -4.45 2.73
N GLN B 13 -28.15 -5.53 2.94
CA GLN B 13 -26.91 -5.72 2.21
C GLN B 13 -27.14 -6.08 0.72
N GLU B 14 -28.22 -6.79 0.46
CA GLU B 14 -28.52 -7.16 -0.89
C GLU B 14 -28.90 -5.92 -1.66
N LEU B 15 -29.75 -5.08 -1.06
CA LEU B 15 -30.16 -3.84 -1.71
C LEU B 15 -28.95 -3.01 -2.07
N MET B 16 -28.12 -2.73 -1.06
CA MET B 16 -26.92 -1.92 -1.21
C MET B 16 -25.98 -2.37 -2.34
N ILE B 17 -25.72 -3.67 -2.37
CA ILE B 17 -24.86 -4.26 -3.39
C ILE B 17 -25.51 -4.10 -4.76
N GLN B 18 -26.79 -4.44 -4.83
CA GLN B 18 -27.55 -4.34 -6.07
C GLN B 18 -27.53 -2.92 -6.60
N GLN B 19 -27.68 -1.97 -5.70
CA GLN B 19 -27.67 -0.54 -6.06
C GLN B 19 -26.29 -0.02 -6.49
N LEU B 20 -25.24 -0.45 -5.79
CA LEU B 20 -23.88 -0.03 -6.12
C LEU B 20 -23.57 -0.45 -7.53
N VAL B 21 -23.94 -1.68 -7.86
CA VAL B 21 -23.67 -2.16 -9.20
C VAL B 21 -24.47 -1.36 -10.21
N ALA B 22 -25.72 -1.04 -9.86
CA ALA B 22 -26.56 -0.25 -10.76
C ALA B 22 -25.93 1.10 -10.99
N ALA B 23 -25.46 1.72 -9.91
CA ALA B 23 -24.84 3.04 -9.98
C ALA B 23 -23.56 2.97 -10.81
N GLN B 24 -22.86 1.84 -10.75
CA GLN B 24 -21.64 1.73 -11.50
C GLN B 24 -21.97 1.75 -12.96
N LEU B 25 -23.09 1.13 -13.30
CA LEU B 25 -23.53 1.03 -14.69
C LEU B 25 -24.06 2.36 -15.24
N GLN B 26 -24.97 2.95 -14.50
CA GLN B 26 -25.54 4.19 -14.94
C GLN B 26 -24.47 5.27 -15.08
N CYS B 27 -23.59 5.39 -14.10
CA CYS B 27 -22.54 6.40 -14.15
C CYS B 27 -21.61 6.11 -15.31
N ASN B 28 -21.42 4.83 -15.59
CA ASN B 28 -20.56 4.45 -16.67
C ASN B 28 -21.21 4.79 -18.02
N LYS B 29 -22.50 4.48 -18.12
CA LYS B 29 -23.23 4.74 -19.36
C LYS B 29 -23.34 6.23 -19.59
N ARG B 30 -23.38 6.98 -18.50
CA ARG B 30 -23.52 8.44 -18.54
C ARG B 30 -22.36 9.17 -19.17
N SER B 31 -21.16 8.74 -18.84
CA SER B 31 -19.96 9.39 -19.31
C SER B 31 -19.42 8.85 -20.62
N PHE B 32 -19.77 7.61 -20.95
CA PHE B 32 -19.26 6.98 -22.17
C PHE B 32 -20.23 6.43 -23.19
N SER B 33 -21.52 6.42 -22.90
CA SER B 33 -22.50 5.97 -23.89
C SER B 33 -22.17 6.63 -25.21
N ASP B 34 -22.13 7.95 -25.19
CA ASP B 34 -21.80 8.73 -26.36
C ASP B 34 -20.31 8.66 -26.59
N GLN B 35 -19.92 8.38 -27.82
CA GLN B 35 -18.52 8.27 -28.10
C GLN B 35 -17.77 9.56 -27.79
N PRO B 36 -16.63 9.43 -27.13
CA PRO B 36 -15.84 10.63 -26.79
C PRO B 36 -15.37 11.41 -28.00
N LYS B 37 -15.47 12.73 -27.91
CA LYS B 37 -15.00 13.66 -28.95
C LYS B 37 -13.59 14.00 -28.45
N VAL B 38 -12.67 13.06 -28.58
CA VAL B 38 -11.34 13.24 -28.04
C VAL B 38 -10.24 13.22 -29.14
N THR B 39 -9.08 13.79 -28.84
CA THR B 39 -7.97 13.72 -29.79
C THR B 39 -7.88 12.25 -30.20
N PRO B 40 -7.99 11.95 -31.51
CA PRO B 40 -7.94 10.57 -32.01
C PRO B 40 -6.58 9.92 -31.76
N TRP B 41 -6.60 8.59 -31.59
CA TRP B 41 -5.35 7.85 -31.48
C TRP B 41 -4.68 7.72 -32.86
N PRO B 42 -3.43 8.22 -32.93
CA PRO B 42 -2.71 8.28 -34.19
C PRO B 42 -2.19 6.90 -34.63
N LEU B 43 -2.32 6.64 -35.95
CA LEU B 43 -1.85 5.38 -36.47
C LEU B 43 -0.56 5.55 -37.29
N GLY B 44 0.57 5.20 -36.65
CA GLY B 44 1.85 5.33 -37.34
C GLY B 44 2.86 6.13 -36.50
N ALA B 45 4.14 5.99 -36.88
CA ALA B 45 5.18 6.71 -36.16
C ALA B 45 5.57 8.02 -36.88
N SER B 49 6.60 9.13 -34.73
CA SER B 49 7.15 10.48 -34.70
C SER B 49 6.99 11.11 -33.31
N ARG B 50 7.51 12.35 -33.18
CA ARG B 50 7.40 13.04 -31.91
C ARG B 50 6.01 13.63 -31.70
N ASP B 51 5.41 14.06 -32.83
CA ASP B 51 4.05 14.60 -32.76
C ASP B 51 3.02 13.50 -32.46
N ALA B 52 3.38 12.27 -32.88
CA ALA B 52 2.47 11.15 -32.64
C ALA B 52 2.48 10.73 -31.17
N ARG B 53 3.65 10.92 -30.52
CA ARG B 53 3.74 10.61 -29.11
C ARG B 53 2.86 11.55 -28.30
N GLN B 54 3.00 12.86 -28.59
CA GLN B 54 2.16 13.84 -27.93
C GLN B 54 0.67 13.54 -28.19
N GLN B 55 0.33 13.05 -29.37
CA GLN B 55 -1.07 12.78 -29.66
C GLN B 55 -1.59 11.64 -28.83
N ARG B 56 -0.86 10.53 -28.85
CA ARG B 56 -1.28 9.36 -28.09
C ARG B 56 -1.42 9.85 -26.64
N PHE B 57 -0.46 10.65 -26.20
CA PHE B 57 -0.53 11.19 -24.85
C PHE B 57 -1.80 12.04 -24.64
N ALA B 58 -2.15 12.86 -25.62
CA ALA B 58 -3.35 13.67 -25.49
C ALA B 58 -4.50 12.72 -25.38
N HIS B 59 -4.53 11.74 -26.29
CA HIS B 59 -5.61 10.76 -26.30
C HIS B 59 -5.87 10.20 -24.87
N PHE B 60 -4.83 9.68 -24.25
CA PHE B 60 -4.99 9.13 -22.91
C PHE B 60 -5.47 10.16 -21.92
N THR B 61 -4.73 11.26 -21.78
CA THR B 61 -5.09 12.33 -20.85
C THR B 61 -6.52 12.78 -21.03
N GLU B 62 -6.92 13.06 -22.28
CA GLU B 62 -8.31 13.49 -22.53
C GLU B 62 -9.35 12.45 -22.07
N LEU B 63 -9.00 11.16 -22.08
CA LEU B 63 -9.92 10.11 -21.65
C LEU B 63 -9.96 10.11 -20.13
N ALA B 64 -8.77 10.11 -19.52
CA ALA B 64 -8.61 10.15 -18.08
C ALA B 64 -9.63 11.11 -17.46
N ILE B 65 -9.72 12.30 -18.05
CA ILE B 65 -10.64 13.33 -17.60
C ILE B 65 -12.08 12.84 -17.58
N ILE B 66 -12.54 12.22 -18.65
CA ILE B 66 -13.91 11.70 -18.66
C ILE B 66 -13.96 10.68 -17.52
N SER B 67 -12.88 9.92 -17.38
CA SER B 67 -12.82 8.94 -16.32
C SER B 67 -12.99 9.58 -14.93
N VAL B 68 -12.35 10.74 -14.68
CA VAL B 68 -12.48 11.41 -13.37
C VAL B 68 -13.93 11.78 -13.14
N GLN B 69 -14.59 12.19 -14.22
CA GLN B 69 -15.98 12.56 -14.16
C GLN B 69 -16.84 11.33 -13.82
N GLU B 70 -16.45 10.14 -14.30
CA GLU B 70 -17.23 8.95 -13.95
C GLU B 70 -17.06 8.67 -12.44
N ILE B 71 -15.79 8.65 -12.00
CA ILE B 71 -15.44 8.44 -10.60
C ILE B 71 -16.15 9.40 -9.67
N VAL B 72 -15.90 10.69 -9.86
CA VAL B 72 -16.59 11.69 -9.05
C VAL B 72 -18.13 11.46 -9.07
N ASP B 73 -18.65 11.09 -10.23
CA ASP B 73 -20.06 10.86 -10.42
C ASP B 73 -20.56 9.66 -9.65
N PHE B 74 -19.70 8.65 -9.46
CA PHE B 74 -20.07 7.44 -8.74
C PHE B 74 -19.95 7.64 -7.22
N ALA B 75 -18.92 8.36 -6.77
CA ALA B 75 -18.77 8.63 -5.35
C ALA B 75 -20.09 9.29 -4.84
N LYS B 76 -20.54 10.34 -5.53
CA LYS B 76 -21.77 11.01 -5.16
C LYS B 76 -22.90 10.02 -4.92
N GLN B 77 -22.77 8.81 -5.47
CA GLN B 77 -23.82 7.78 -5.36
C GLN B 77 -23.58 6.68 -4.34
N VAL B 78 -22.38 6.68 -3.76
CA VAL B 78 -22.06 5.67 -2.76
C VAL B 78 -22.62 6.16 -1.44
N PRO B 79 -23.58 5.44 -0.89
CA PRO B 79 -24.18 5.84 0.38
C PRO B 79 -23.15 6.28 1.43
N GLY B 80 -23.37 7.44 2.02
CA GLY B 80 -22.46 7.91 3.04
C GLY B 80 -21.49 8.91 2.49
N PHE B 81 -21.07 8.74 1.26
CA PHE B 81 -20.12 9.70 0.73
C PHE B 81 -20.53 11.16 0.86
N LEU B 82 -21.77 11.50 0.48
CA LEU B 82 -22.23 12.91 0.57
C LEU B 82 -22.52 13.44 1.97
N GLN B 83 -22.27 12.62 2.97
CA GLN B 83 -22.49 13.07 4.33
C GLN B 83 -21.22 13.75 4.84
N LEU B 84 -20.08 13.51 4.17
CA LEU B 84 -18.84 14.12 4.58
C LEU B 84 -18.76 15.56 4.04
N GLY B 85 -17.88 16.34 4.66
CA GLY B 85 -17.74 17.72 4.24
C GLY B 85 -16.97 17.77 2.95
N ARG B 86 -17.23 18.79 2.13
CA ARG B 86 -16.55 18.94 0.87
C ARG B 86 -15.03 18.72 0.95
N GLU B 87 -14.42 19.18 2.04
CA GLU B 87 -12.99 19.00 2.26
C GLU B 87 -12.58 17.50 2.21
N ASP B 88 -13.25 16.68 3.01
CA ASP B 88 -12.98 15.25 3.09
C ASP B 88 -13.30 14.58 1.76
N GLN B 89 -14.29 15.13 1.02
CA GLN B 89 -14.73 14.57 -0.25
C GLN B 89 -13.65 14.69 -1.26
N ILE B 90 -13.12 15.90 -1.34
CA ILE B 90 -12.07 16.16 -2.29
C ILE B 90 -10.90 15.32 -1.87
N ALA B 91 -10.49 15.46 -0.62
CA ALA B 91 -9.37 14.64 -0.13
C ALA B 91 -9.47 13.15 -0.56
N LEU B 92 -10.60 12.52 -0.22
CA LEU B 92 -10.81 11.11 -0.55
C LEU B 92 -10.82 10.80 -2.03
N LEU B 93 -11.29 11.72 -2.86
CA LEU B 93 -11.28 11.50 -4.29
C LEU B 93 -9.88 11.67 -4.83
N LYS B 94 -9.28 12.80 -4.49
CA LYS B 94 -7.93 13.11 -4.92
C LYS B 94 -6.96 11.90 -4.84
N ALA B 95 -7.01 11.15 -3.77
CA ALA B 95 -6.11 10.02 -3.65
C ALA B 95 -6.59 8.74 -4.27
N SER B 96 -7.91 8.49 -4.25
CA SER B 96 -8.45 7.22 -4.80
C SER B 96 -8.65 7.13 -6.31
N THR B 97 -8.66 8.29 -6.98
CA THR B 97 -8.85 8.39 -8.41
C THR B 97 -7.94 7.47 -9.16
N ILE B 98 -6.65 7.63 -8.97
CA ILE B 98 -5.71 6.79 -9.68
C ILE B 98 -5.91 5.30 -9.37
N GLU B 99 -6.19 5.02 -8.10
CA GLU B 99 -6.36 3.64 -7.69
C GLU B 99 -7.60 2.99 -8.31
N ILE B 100 -8.68 3.75 -8.35
CA ILE B 100 -9.92 3.28 -8.95
C ILE B 100 -9.66 3.03 -10.45
N MET B 101 -9.01 3.98 -11.14
CA MET B 101 -8.73 3.82 -12.57
C MET B 101 -8.00 2.50 -12.79
N LEU B 102 -7.06 2.21 -11.92
CA LEU B 102 -6.34 0.96 -12.04
C LEU B 102 -7.27 -0.25 -11.75
N LEU B 103 -8.23 -0.06 -10.85
CA LEU B 103 -9.14 -1.16 -10.59
C LEU B 103 -9.92 -1.41 -11.88
N GLU B 104 -10.39 -0.33 -12.53
CA GLU B 104 -11.14 -0.44 -13.80
C GLU B 104 -10.21 -1.03 -14.88
N THR B 105 -9.01 -0.48 -14.97
CA THR B 105 -8.02 -0.97 -15.94
C THR B 105 -7.93 -2.46 -15.78
N ALA B 106 -7.89 -2.96 -14.55
CA ALA B 106 -7.84 -4.39 -14.28
C ALA B 106 -9.14 -5.04 -14.76
N ARG B 107 -10.28 -4.50 -14.34
CA ARG B 107 -11.55 -5.05 -14.76
C ARG B 107 -11.76 -5.13 -16.29
N ARG B 108 -11.22 -4.17 -17.03
CA ARG B 108 -11.35 -4.12 -18.50
C ARG B 108 -10.18 -4.80 -19.22
N TYR B 109 -9.42 -5.61 -18.50
CA TYR B 109 -8.29 -6.34 -19.05
C TYR B 109 -8.66 -7.73 -19.55
N ASN B 110 -8.24 -8.08 -20.77
CA ASN B 110 -8.56 -9.41 -21.29
C ASN B 110 -7.27 -10.18 -21.44
N HIS B 111 -7.29 -11.41 -20.95
CA HIS B 111 -6.11 -12.25 -20.97
C HIS B 111 -5.69 -12.80 -22.33
N GLU B 112 -6.64 -13.09 -23.21
CA GLU B 112 -6.24 -13.63 -24.49
C GLU B 112 -5.44 -12.64 -25.37
N THR B 113 -5.94 -11.42 -25.50
CA THR B 113 -5.25 -10.42 -26.31
C THR B 113 -4.22 -9.70 -25.45
N GLU B 114 -4.39 -9.79 -24.14
CA GLU B 114 -3.53 -9.10 -23.19
C GLU B 114 -3.73 -7.56 -23.27
N CYS B 115 -4.86 -7.14 -23.85
CA CYS B 115 -5.17 -5.73 -23.98
C CYS B 115 -6.22 -5.23 -23.01
N ILE B 116 -6.17 -3.94 -22.78
CA ILE B 116 -7.09 -3.31 -21.88
C ILE B 116 -8.04 -2.48 -22.75
N THR B 117 -9.31 -2.84 -22.75
CA THR B 117 -10.21 -2.00 -23.54
C THR B 117 -10.96 -1.02 -22.64
N PHE B 118 -10.58 0.25 -22.70
CA PHE B 118 -11.23 1.30 -21.88
C PHE B 118 -12.74 1.20 -21.96
N LEU B 119 -13.25 1.76 -23.04
CA LEU B 119 -14.62 1.58 -23.39
C LEU B 119 -14.55 0.84 -24.71
N LYS B 120 -15.71 0.53 -25.23
CA LYS B 120 -15.68 -0.10 -26.45
C LYS B 120 -15.84 0.66 -27.73
N ASP B 121 -14.63 0.65 -28.15
CA ASP B 121 -14.05 0.66 -29.43
C ASP B 121 -12.62 1.05 -29.42
N PHE B 122 -12.21 1.49 -28.24
CA PHE B 122 -10.84 1.87 -27.94
C PHE B 122 -10.18 0.79 -27.09
N THR B 123 -9.20 0.07 -27.65
CA THR B 123 -8.49 -0.93 -26.87
C THR B 123 -6.98 -0.64 -26.97
N TYR B 124 -6.19 -1.08 -25.99
CA TYR B 124 -4.75 -0.84 -25.98
C TYR B 124 -3.97 -1.97 -25.37
N SER B 125 -2.76 -2.08 -25.88
CA SER B 125 -1.79 -3.09 -25.49
C SER B 125 -0.81 -2.44 -24.53
N LYS B 126 0.03 -3.23 -23.88
CA LYS B 126 1.01 -2.64 -22.97
C LYS B 126 1.84 -1.68 -23.83
N ASP B 127 2.05 -2.12 -25.06
CA ASP B 127 2.85 -1.37 -25.99
C ASP B 127 2.31 0.01 -26.23
N ASP B 128 0.99 0.06 -26.47
CA ASP B 128 0.33 1.33 -26.71
C ASP B 128 0.65 2.33 -25.59
N PHE B 129 0.78 1.85 -24.36
CA PHE B 129 1.11 2.76 -23.27
C PHE B 129 2.50 3.39 -23.51
N HIS B 130 3.52 2.54 -23.75
CA HIS B 130 4.88 3.01 -23.99
C HIS B 130 4.82 4.16 -24.95
N ARG B 131 4.11 3.94 -26.07
CA ARG B 131 3.97 4.97 -27.10
C ARG B 131 3.31 6.25 -26.67
N ALA B 132 2.43 6.16 -25.67
CA ALA B 132 1.71 7.33 -25.15
C ALA B 132 2.61 8.08 -24.19
N GLY B 133 3.88 7.69 -24.14
CA GLY B 133 4.84 8.35 -23.26
C GLY B 133 4.99 7.77 -21.86
N LEU B 134 4.18 6.80 -21.51
CA LEU B 134 4.33 6.22 -20.19
C LEU B 134 5.66 5.47 -20.05
N GLN B 135 6.16 5.42 -18.82
CA GLN B 135 7.40 4.74 -18.44
C GLN B 135 7.18 3.22 -18.32
N VAL B 136 8.28 2.50 -18.42
CA VAL B 136 8.20 1.07 -18.32
C VAL B 136 8.00 0.74 -16.84
N GLU B 137 8.49 1.60 -15.96
CA GLU B 137 8.39 1.29 -14.54
C GLU B 137 6.98 1.48 -14.00
N PHE B 138 6.12 2.11 -14.79
CA PHE B 138 4.74 2.31 -14.37
C PHE B 138 3.92 1.27 -15.15
N ILE B 139 4.08 1.26 -16.49
CA ILE B 139 3.39 0.34 -17.40
C ILE B 139 3.44 -1.12 -16.93
N ASN B 140 4.64 -1.69 -16.87
CA ASN B 140 4.75 -3.07 -16.41
C ASN B 140 3.90 -3.36 -15.18
N PRO B 141 4.06 -2.59 -14.13
CA PRO B 141 3.29 -2.77 -12.89
C PRO B 141 1.76 -2.74 -13.10
N ILE B 142 1.26 -1.86 -13.98
CA ILE B 142 -0.19 -1.84 -14.15
C ILE B 142 -0.67 -3.11 -14.83
N PHE B 143 0.13 -3.67 -15.71
CA PHE B 143 -0.29 -4.91 -16.37
C PHE B 143 -0.11 -6.17 -15.48
N GLU B 144 0.69 -6.04 -14.44
CA GLU B 144 0.87 -7.18 -13.60
C GLU B 144 -0.32 -7.13 -12.60
N PHE B 145 -0.76 -5.92 -12.29
CA PHE B 145 -1.87 -5.79 -11.35
C PHE B 145 -3.12 -6.41 -11.98
N SER B 146 -3.34 -6.07 -13.26
CA SER B 146 -4.48 -6.57 -14.01
C SER B 146 -4.40 -8.08 -14.06
N ARG B 147 -3.22 -8.60 -14.38
CA ARG B 147 -3.07 -10.04 -14.42
C ARG B 147 -3.44 -10.64 -13.05
N ALA B 148 -2.91 -10.07 -11.99
CA ALA B 148 -3.27 -10.57 -10.66
C ALA B 148 -4.76 -10.43 -10.32
N MET B 149 -5.43 -9.38 -10.82
CA MET B 149 -6.85 -9.23 -10.54
C MET B 149 -7.65 -10.30 -11.28
N ARG B 150 -7.23 -10.64 -12.50
CA ARG B 150 -7.93 -11.67 -13.25
C ARG B 150 -7.82 -13.01 -12.51
N ARG B 151 -6.69 -13.19 -11.83
CA ARG B 151 -6.42 -14.37 -11.02
C ARG B 151 -7.37 -14.54 -9.84
N LEU B 152 -8.23 -13.56 -9.58
CA LEU B 152 -9.18 -13.66 -8.46
C LEU B 152 -10.61 -13.75 -8.93
N GLY B 153 -10.80 -13.42 -10.21
CA GLY B 153 -12.09 -13.49 -10.86
C GLY B 153 -13.18 -12.76 -10.14
N LEU B 154 -12.92 -11.49 -9.85
CA LEU B 154 -13.89 -10.64 -9.17
C LEU B 154 -15.06 -10.34 -10.10
N ASP B 155 -16.30 -10.46 -9.62
CA ASP B 155 -17.51 -10.18 -10.41
C ASP B 155 -17.88 -8.72 -10.29
N ASP B 156 -18.87 -8.30 -11.08
CA ASP B 156 -19.30 -6.90 -11.10
C ASP B 156 -19.65 -6.26 -9.73
N ALA B 157 -20.05 -7.09 -8.76
CA ALA B 157 -20.42 -6.63 -7.41
C ALA B 157 -19.22 -6.49 -6.48
N GLU B 158 -18.26 -7.38 -6.65
CA GLU B 158 -17.05 -7.34 -5.85
C GLU B 158 -16.29 -6.08 -6.23
N TYR B 159 -16.18 -5.82 -7.52
CA TYR B 159 -15.49 -4.62 -7.94
C TYR B 159 -16.18 -3.45 -7.28
N ALA B 160 -17.44 -3.25 -7.58
CA ALA B 160 -18.15 -2.13 -6.99
C ALA B 160 -17.77 -2.00 -5.51
N LEU B 161 -17.99 -3.07 -4.75
CA LEU B 161 -17.67 -3.03 -3.31
C LEU B 161 -16.22 -2.62 -3.03
N LEU B 162 -15.27 -3.27 -3.72
CA LEU B 162 -13.88 -2.95 -3.55
C LEU B 162 -13.66 -1.44 -3.80
N ILE B 163 -14.24 -0.90 -4.87
CA ILE B 163 -14.09 0.51 -5.15
C ILE B 163 -14.62 1.39 -3.99
N ALA B 164 -15.79 1.03 -3.43
CA ALA B 164 -16.33 1.80 -2.33
C ALA B 164 -15.34 1.72 -1.17
N ILE B 165 -14.96 0.51 -0.79
CA ILE B 165 -14.00 0.33 0.30
C ILE B 165 -12.83 1.26 0.06
N ASN B 166 -12.27 1.17 -1.14
CA ASN B 166 -11.14 2.00 -1.50
C ASN B 166 -11.41 3.47 -1.28
N ILE B 167 -12.54 4.00 -1.76
CA ILE B 167 -12.87 5.43 -1.57
C ILE B 167 -12.85 5.86 -0.10
N PHE B 168 -13.40 5.01 0.75
CA PHE B 168 -13.40 5.27 2.19
C PHE B 168 -12.11 4.89 2.96
N SER B 169 -10.96 5.37 2.46
CA SER B 169 -9.67 5.12 3.10
C SER B 169 -9.41 6.17 4.20
N ALA B 170 -9.74 5.84 5.44
CA ALA B 170 -9.51 6.79 6.52
C ALA B 170 -8.10 7.42 6.60
N ASP B 171 -7.10 6.82 5.96
CA ASP B 171 -5.72 7.33 6.05
C ASP B 171 -5.19 8.14 4.89
N ARG B 172 -6.09 8.62 4.03
CA ARG B 172 -5.67 9.41 2.86
C ARG B 172 -5.12 10.73 3.33
N PRO B 173 -4.22 11.33 2.55
CA PRO B 173 -3.67 12.62 2.96
C PRO B 173 -4.75 13.68 3.18
N ASN B 174 -4.64 14.35 4.32
CA ASN B 174 -5.52 15.43 4.68
C ASN B 174 -6.97 15.14 4.87
N VAL B 175 -7.29 14.18 5.71
CA VAL B 175 -8.68 13.83 6.02
C VAL B 175 -8.99 14.39 7.42
N GLN B 176 -10.04 15.20 7.50
CA GLN B 176 -10.42 15.82 8.77
C GLN B 176 -11.32 14.94 9.65
N GLU B 177 -11.96 13.98 9.05
CA GLU B 177 -12.77 13.14 9.88
C GLU B 177 -12.51 11.67 9.63
N PRO B 178 -11.28 11.23 9.91
CA PRO B 178 -10.89 9.84 9.73
C PRO B 178 -11.80 8.87 10.49
N GLY B 179 -12.00 9.11 11.78
CA GLY B 179 -12.87 8.22 12.52
C GLY B 179 -14.17 7.99 11.76
N ARG B 180 -14.69 9.09 11.25
CA ARG B 180 -15.93 9.04 10.51
C ARG B 180 -15.77 8.25 9.21
N VAL B 181 -14.68 8.52 8.47
CA VAL B 181 -14.45 7.77 7.24
C VAL B 181 -14.25 6.27 7.56
N GLU B 182 -13.35 5.97 8.49
CA GLU B 182 -13.15 4.57 8.83
C GLU B 182 -14.49 3.87 9.09
N ALA B 183 -15.46 4.57 9.66
CA ALA B 183 -16.71 3.91 9.93
C ALA B 183 -17.50 3.68 8.65
N LEU B 184 -17.53 4.65 7.75
CA LEU B 184 -18.28 4.50 6.49
C LEU B 184 -17.82 3.26 5.70
N GLN B 185 -16.52 2.99 5.76
CA GLN B 185 -15.97 1.87 5.04
C GLN B 185 -16.39 0.50 5.58
N GLN B 186 -16.48 0.36 6.89
CA GLN B 186 -16.86 -0.93 7.48
C GLN B 186 -18.09 -1.62 6.83
N PRO B 187 -19.21 -0.90 6.73
CA PRO B 187 -20.38 -1.57 6.14
C PRO B 187 -20.04 -2.23 4.81
N TYR B 188 -19.17 -1.60 4.04
CA TYR B 188 -18.75 -2.12 2.73
C TYR B 188 -17.80 -3.29 2.90
N VAL B 189 -16.84 -3.20 3.82
CA VAL B 189 -15.96 -4.34 4.01
C VAL B 189 -16.79 -5.53 4.42
N GLU B 190 -17.79 -5.34 5.26
CA GLU B 190 -18.62 -6.44 5.70
C GLU B 190 -19.46 -7.01 4.56
N ALA B 191 -19.93 -6.15 3.66
CA ALA B 191 -20.75 -6.63 2.57
C ALA B 191 -19.88 -7.55 1.69
N LEU B 192 -18.59 -7.23 1.61
CA LEU B 192 -17.69 -8.04 0.80
C LEU B 192 -17.39 -9.36 1.46
N LEU B 193 -17.10 -9.30 2.76
CA LEU B 193 -16.81 -10.47 3.54
C LEU B 193 -17.93 -11.52 3.44
N SER B 194 -19.16 -11.07 3.62
CA SER B 194 -20.30 -11.97 3.56
C SER B 194 -20.48 -12.47 2.13
N TYR B 195 -20.24 -11.60 1.16
CA TYR B 195 -20.38 -11.96 -0.25
C TYR B 195 -19.38 -13.04 -0.68
N THR B 196 -18.09 -12.78 -0.49
CA THR B 196 -17.07 -13.74 -0.90
C THR B 196 -17.24 -15.08 -0.19
N ARG B 197 -17.82 -15.02 1.01
CA ARG B 197 -18.04 -16.22 1.80
C ARG B 197 -19.08 -17.10 1.12
N ILE B 198 -20.12 -16.48 0.57
CA ILE B 198 -21.19 -17.20 -0.11
C ILE B 198 -20.74 -17.65 -1.50
N LYS B 199 -19.86 -16.87 -2.13
CA LYS B 199 -19.35 -17.18 -3.45
C LYS B 199 -18.35 -18.35 -3.42
N ARG B 200 -17.47 -18.39 -2.43
CA ARG B 200 -16.51 -19.51 -2.40
C ARG B 200 -16.34 -19.92 -0.95
N PRO B 201 -17.30 -20.70 -0.45
CA PRO B 201 -17.37 -21.21 0.91
C PRO B 201 -16.17 -21.96 1.33
N GLN B 202 -15.58 -22.68 0.38
CA GLN B 202 -14.41 -23.50 0.66
C GLN B 202 -13.06 -22.79 0.44
N ASP B 203 -13.10 -21.48 0.25
CA ASP B 203 -11.88 -20.71 0.05
C ASP B 203 -11.95 -19.42 0.85
N GLN B 204 -11.89 -19.55 2.17
CA GLN B 204 -11.98 -18.39 3.00
C GLN B 204 -10.72 -17.55 3.00
N LEU B 205 -9.84 -17.79 2.04
CA LEU B 205 -8.64 -16.94 1.98
C LEU B 205 -8.74 -15.99 0.76
N ARG B 206 -9.79 -16.16 -0.03
CA ARG B 206 -10.03 -15.31 -1.20
C ARG B 206 -10.27 -13.90 -0.70
N PHE B 207 -11.24 -13.74 0.19
CA PHE B 207 -11.51 -12.39 0.70
C PHE B 207 -10.22 -11.64 1.10
N PRO B 208 -9.34 -12.27 1.90
CA PRO B 208 -8.10 -11.57 2.28
C PRO B 208 -7.20 -11.27 1.09
N ARG B 209 -7.24 -12.10 0.06
CA ARG B 209 -6.43 -11.85 -1.12
C ARG B 209 -6.88 -10.55 -1.76
N MET B 210 -8.19 -10.35 -1.81
CA MET B 210 -8.74 -9.13 -2.37
C MET B 210 -8.20 -7.91 -1.61
N LEU B 211 -8.36 -7.92 -0.28
CA LEU B 211 -7.88 -6.85 0.56
C LEU B 211 -6.42 -6.61 0.28
N MET B 212 -5.67 -7.68 0.01
CA MET B 212 -4.27 -7.50 -0.31
C MET B 212 -4.05 -6.66 -1.63
N LYS B 213 -5.05 -6.60 -2.50
CA LYS B 213 -4.94 -5.82 -3.74
C LYS B 213 -5.03 -4.31 -3.45
N LEU B 214 -5.59 -3.95 -2.30
CA LEU B 214 -5.62 -2.55 -1.92
C LEU B 214 -4.18 -2.21 -1.56
N VAL B 215 -3.46 -3.15 -0.98
CA VAL B 215 -2.07 -2.89 -0.62
C VAL B 215 -1.30 -2.43 -1.89
N SER B 216 -1.49 -3.17 -2.96
CA SER B 216 -0.82 -2.85 -4.21
C SER B 216 -1.22 -1.51 -4.77
N LEU B 217 -2.50 -1.18 -4.72
CA LEU B 217 -2.91 0.12 -5.24
C LEU B 217 -2.12 1.24 -4.56
N ARG B 218 -1.73 1.05 -3.31
CA ARG B 218 -0.98 2.10 -2.66
C ARG B 218 0.33 2.20 -3.40
N THR B 219 1.07 1.12 -3.47
CA THR B 219 2.34 1.13 -4.21
C THR B 219 2.14 1.72 -5.62
N LEU B 220 1.19 1.19 -6.38
CA LEU B 220 0.97 1.71 -7.72
C LEU B 220 0.82 3.21 -7.68
N SER B 221 -0.11 3.69 -6.84
CA SER B 221 -0.35 5.12 -6.66
C SER B 221 0.98 5.83 -6.53
N SER B 222 1.88 5.20 -5.81
CA SER B 222 3.21 5.75 -5.62
C SER B 222 3.99 5.80 -6.92
N VAL B 223 4.09 4.68 -7.63
CA VAL B 223 4.83 4.63 -8.88
C VAL B 223 4.26 5.62 -9.89
N HIS B 224 2.95 5.79 -9.80
CA HIS B 224 2.22 6.72 -10.67
C HIS B 224 2.60 8.19 -10.39
N SER B 225 2.85 8.53 -9.13
CA SER B 225 3.24 9.91 -8.85
C SER B 225 4.69 10.08 -9.30
N GLU B 226 5.45 8.99 -9.31
CA GLU B 226 6.80 9.11 -9.80
C GLU B 226 6.74 9.27 -11.28
N GLN B 227 5.58 8.96 -11.86
CA GLN B 227 5.37 9.10 -13.28
C GLN B 227 5.00 10.58 -13.61
N VAL B 228 4.16 11.17 -12.77
CA VAL B 228 3.73 12.53 -12.97
C VAL B 228 4.91 13.46 -12.83
N PHE B 229 5.74 13.19 -11.83
CA PHE B 229 6.93 13.98 -11.63
C PHE B 229 7.82 13.78 -12.85
N ALA B 230 7.88 12.53 -13.31
CA ALA B 230 8.67 12.14 -14.46
C ALA B 230 8.21 12.83 -15.73
N LEU B 231 6.91 13.04 -15.90
CA LEU B 231 6.47 13.70 -17.12
C LEU B 231 6.16 15.16 -16.86
N ARG B 232 7.03 15.78 -16.07
CA ARG B 232 6.90 17.19 -15.80
C ARG B 232 8.27 17.79 -16.12
N LEU B 233 9.32 17.00 -16.02
CA LEU B 233 10.64 17.48 -16.39
C LEU B 233 10.92 16.87 -17.75
N GLN B 234 9.93 16.12 -18.23
CA GLN B 234 10.00 15.56 -19.56
C GLN B 234 9.31 16.75 -20.21
N ASP B 235 8.80 16.61 -21.43
CA ASP B 235 8.19 17.76 -22.03
C ASP B 235 6.73 18.13 -21.65
N LYS B 236 5.86 17.14 -21.52
CA LYS B 236 4.44 17.44 -21.31
C LYS B 236 3.76 17.71 -19.95
N LYS B 237 2.71 18.53 -20.00
CA LYS B 237 1.92 18.88 -18.80
C LYS B 237 0.57 18.17 -18.90
N LEU B 238 -0.28 18.35 -17.90
CA LEU B 238 -1.58 17.70 -17.87
C LEU B 238 -2.75 18.67 -17.93
N PRO B 239 -3.88 18.25 -18.50
CA PRO B 239 -4.99 19.20 -18.52
C PRO B 239 -5.32 19.56 -17.08
N PRO B 240 -5.74 20.83 -16.83
CA PRO B 240 -6.11 21.34 -15.49
C PRO B 240 -6.70 20.33 -14.50
N LEU B 241 -7.76 19.66 -14.88
CA LEU B 241 -8.37 18.70 -13.98
C LEU B 241 -7.33 17.71 -13.46
N LEU B 242 -6.79 16.86 -14.35
CA LEU B 242 -5.78 15.88 -13.94
C LEU B 242 -4.68 16.54 -13.13
N SER B 243 -4.28 17.72 -13.58
CA SER B 243 -3.24 18.50 -12.90
C SER B 243 -3.66 18.88 -11.45
N GLU B 244 -4.94 19.12 -11.24
CA GLU B 244 -5.45 19.44 -9.92
C GLU B 244 -5.14 18.29 -9.00
N ILE B 245 -5.60 17.10 -9.40
CA ILE B 245 -5.41 15.89 -8.63
C ILE B 245 -3.98 15.33 -8.51
N TRP B 246 -3.18 15.43 -9.57
CA TRP B 246 -1.85 14.85 -9.59
C TRP B 246 -0.56 15.67 -9.56
N ASP B 247 -0.58 16.81 -10.22
CA ASP B 247 0.57 17.72 -10.28
C ASP B 247 0.81 18.34 -8.90
N VAL B 248 -0.09 18.04 -8.00
CA VAL B 248 -0.16 18.81 -6.78
C VAL B 248 -0.98 18.03 -5.76
N SER C 7 22.69 -10.40 -9.53
CA SER C 7 21.91 -9.15 -9.68
C SER C 7 21.52 -8.67 -8.29
N LEU C 8 20.49 -9.29 -7.72
CA LEU C 8 20.03 -8.97 -6.37
C LEU C 8 20.83 -9.87 -5.43
N THR C 9 22.02 -9.41 -5.08
CA THR C 9 22.94 -10.14 -4.23
C THR C 9 24.26 -9.39 -4.38
N GLU C 10 24.52 -8.96 -5.60
CA GLU C 10 25.72 -8.20 -5.91
C GLU C 10 25.38 -6.75 -5.56
N ARG C 11 24.19 -6.32 -5.98
CA ARG C 11 23.72 -4.97 -5.71
C ARG C 11 23.53 -4.79 -4.20
N HIS C 12 23.44 -5.90 -3.47
CA HIS C 12 23.25 -5.84 -2.01
C HIS C 12 24.21 -6.71 -1.23
N LYS C 13 25.50 -6.43 -1.33
CA LYS C 13 26.54 -7.22 -0.67
C LYS C 13 26.38 -7.44 0.83
N ILE C 14 26.34 -6.36 1.62
CA ILE C 14 26.21 -6.52 3.07
C ILE C 14 24.96 -7.32 3.44
N LEU C 15 23.85 -6.99 2.79
CA LEU C 15 22.62 -7.69 3.08
C LEU C 15 22.82 -9.16 2.81
N HIS C 16 23.41 -9.47 1.66
CA HIS C 16 23.66 -10.86 1.28
C HIS C 16 24.43 -11.56 2.39
N ARG C 17 25.44 -10.88 2.94
CA ARG C 17 26.28 -11.41 3.99
C ARG C 17 25.50 -11.79 5.25
N LEU C 18 24.55 -10.94 5.64
CA LEU C 18 23.76 -11.24 6.83
C LEU C 18 22.98 -12.53 6.68
N LEU C 19 22.49 -12.79 5.47
CA LEU C 19 21.74 -13.99 5.20
C LEU C 19 22.58 -15.26 5.25
N GLN C 20 23.91 -15.12 5.14
CA GLN C 20 24.79 -16.28 5.16
C GLN C 20 25.51 -16.51 6.49
N GLU C 21 25.51 -15.52 7.37
CA GLU C 21 26.19 -15.69 8.66
C GLU C 21 25.44 -16.67 9.54
N GLY C 22 24.23 -17.04 9.12
CA GLY C 22 23.42 -17.97 9.89
C GLY C 22 23.97 -19.39 9.90
N ARG D 11 -6.02 24.89 -4.02
CA ARG D 11 -7.46 24.57 -4.26
C ARG D 11 -7.68 23.55 -5.38
N HIS D 12 -8.94 23.10 -5.48
CA HIS D 12 -9.34 22.14 -6.51
C HIS D 12 -10.65 22.65 -7.12
N LYS D 13 -10.54 23.77 -7.82
CA LYS D 13 -11.66 24.42 -8.49
C LYS D 13 -12.56 23.47 -9.28
N ILE D 14 -11.99 22.79 -10.28
CA ILE D 14 -12.74 21.87 -11.11
C ILE D 14 -13.32 20.69 -10.31
N LEU D 15 -12.45 19.95 -9.64
CA LEU D 15 -12.90 18.79 -8.86
C LEU D 15 -14.06 19.19 -7.95
N HIS D 16 -13.84 20.25 -7.17
CA HIS D 16 -14.86 20.77 -6.26
C HIS D 16 -16.12 21.04 -7.06
N ARG D 17 -15.97 21.76 -8.15
CA ARG D 17 -17.07 22.11 -9.04
C ARG D 17 -17.93 20.91 -9.42
N LEU D 18 -17.27 19.81 -9.79
CA LEU D 18 -17.96 18.57 -10.18
C LEU D 18 -18.77 18.04 -9.02
N LEU D 19 -18.19 18.09 -7.83
CA LEU D 19 -18.86 17.60 -6.63
C LEU D 19 -20.21 18.25 -6.38
N GLN D 20 -20.43 19.45 -6.91
CA GLN D 20 -21.72 20.09 -6.71
C GLN D 20 -22.81 19.48 -7.58
N GLU D 21 -22.58 19.44 -8.90
CA GLU D 21 -23.55 18.82 -9.83
C GLU D 21 -23.38 19.17 -11.30
N GLY D 22 -22.40 18.59 -11.96
CA GLY D 22 -22.22 18.89 -13.37
C GLY D 22 -20.79 18.80 -13.84
N SER D 23 -20.61 18.13 -14.98
CA SER D 23 -19.29 17.96 -15.59
C SER D 23 -18.86 19.22 -16.34
O24 CO1 E . 13.48 -4.19 18.34
C22 CO1 E . 13.81 -3.29 17.25
C18 CO1 E . 14.70 -2.12 17.83
C14 CO1 E . 14.65 -0.75 17.04
C9 CO1 E . 15.78 0.04 17.00
C4 CO1 E . 15.88 1.37 16.22
C1 CO1 E . 14.57 1.98 15.55
C3 CO1 E . 13.62 0.79 15.08
C8 CO1 E . 12.33 1.36 14.35
C11 CO1 E . 12.70 2.37 13.23
C5 CO1 E . 13.58 3.60 13.73
C12 CO1 E . 12.71 4.43 14.76
C10 CO1 E . 14.27 4.51 12.61
C13 CO1 E . 15.38 5.19 13.44
C6 CO1 E . 15.84 4.17 14.52
C2 CO1 E . 14.88 2.94 14.33
C17 CO1 E . 13.35 5.53 11.76
C21 CO1 E . 12.01 4.95 11.20
C20 CO1 E . 14.05 6.27 10.58
C23 CO1 E . 14.47 5.44 9.34
C25 CO1 E . 15.11 6.36 8.29
O27 CO1 E . 15.94 5.93 7.27
C26 CO1 E . 16.57 6.66 8.38
C28 CO1 E . 17.43 5.91 9.45
C29 CO1 E . 17.01 8.07 7.99
C7 CO1 E . 13.30 -0.29 16.26
C16 CO1 E . 12.25 0.32 17.27
C15 CO1 E . 12.73 -1.60 15.61
C19 CO1 E . 12.50 -2.80 16.56
O24 CO1 F . -14.65 3.33 -17.65
C22 CO1 F . -13.54 4.13 -17.32
C18 CO1 F . -12.92 4.68 -18.67
C14 CO1 F . -11.37 4.84 -18.73
C9 CO1 F . -10.88 5.77 -19.60
C4 CO1 F . -9.38 6.11 -19.77
C1 CO1 F . -8.32 5.25 -19.00
C3 CO1 F . -8.94 4.72 -17.62
C8 CO1 F . -7.88 3.89 -16.79
C11 CO1 F . -6.50 4.65 -16.65
C5 CO1 F . -5.87 5.10 -18.02
C12 CO1 F . -5.51 3.77 -18.83
C10 CO1 F . -4.68 6.14 -17.93
C13 CO1 F . -4.66 6.71 -19.37
C6 CO1 F . -6.13 6.68 -19.87
C2 CO1 F . -6.94 6.03 -18.71
C17 CO1 F . -3.25 5.60 -17.38
C21 CO1 F . -3.32 4.59 -16.16
C20 CO1 F . -2.17 6.69 -17.02
C23 CO1 F . -2.61 7.91 -16.17
C25 CO1 F . -1.40 8.83 -15.86
O27 CO1 F . -1.50 10.15 -15.41
C26 CO1 F . -0.98 9.93 -16.79
C28 CO1 F . -1.86 10.24 -18.01
C29 CO1 F . 0.51 10.20 -16.89
C7 CO1 F . -10.38 3.98 -17.81
C16 CO1 F . -10.14 2.55 -18.44
C15 CO1 F . -11.11 3.86 -16.42
C19 CO1 F . -12.56 3.30 -16.44
#